data_6CT4
#
_entry.id   6CT4
#
_entity_poly.entity_id   1
_entity_poly.type   'polypeptide(L)'
_entity_poly.pdbx_seq_one_letter_code
;PMKKLKLALRLAAKIAPVW
;
_entity_poly.pdbx_strand_id   A
#
# COMPACT_ATOMS: atom_id res chain seq x y z
N PRO A 1 -5.50 -6.45 15.30
CA PRO A 1 -4.13 -6.30 14.85
C PRO A 1 -4.06 -5.12 13.92
N MET A 2 -2.87 -4.71 13.56
CA MET A 2 -2.70 -3.62 12.62
C MET A 2 -2.61 -4.19 11.21
N LYS A 3 -3.26 -3.54 10.29
CA LYS A 3 -3.31 -4.00 8.91
C LYS A 3 -2.54 -3.03 8.02
N LYS A 4 -1.56 -2.37 8.60
CA LYS A 4 -0.74 -1.38 7.93
C LYS A 4 0.00 -1.95 6.73
N LEU A 5 0.41 -3.21 6.82
CA LEU A 5 1.13 -3.86 5.72
C LEU A 5 0.18 -4.09 4.55
N LYS A 6 -1.08 -4.37 4.87
CA LYS A 6 -2.09 -4.65 3.87
C LYS A 6 -2.50 -3.34 3.22
N LEU A 7 -2.66 -2.32 4.05
CA LEU A 7 -3.00 -0.99 3.59
C LEU A 7 -1.94 -0.48 2.64
N ALA A 8 -0.68 -0.58 3.07
CA ALA A 8 0.46 -0.12 2.27
C ALA A 8 0.52 -0.87 0.95
N LEU A 9 0.20 -2.16 0.99
CA LEU A 9 0.24 -2.99 -0.20
C LEU A 9 -0.91 -2.63 -1.16
N ARG A 10 -1.99 -2.09 -0.64
CA ARG A 10 -3.10 -1.68 -1.48
C ARG A 10 -2.87 -0.28 -2.02
N LEU A 11 -2.26 0.55 -1.22
CA LEU A 11 -1.91 1.90 -1.63
C LEU A 11 -0.84 1.82 -2.73
N ALA A 12 0.09 0.89 -2.58
CA ALA A 12 1.16 0.65 -3.56
C ALA A 12 0.60 0.05 -4.85
N ALA A 13 -0.60 -0.48 -4.78
CA ALA A 13 -1.23 -1.04 -5.95
C ALA A 13 -1.69 0.07 -6.86
N LYS A 14 -2.14 1.18 -6.28
CA LYS A 14 -2.60 2.31 -7.06
C LYS A 14 -1.47 3.29 -7.27
N ILE A 15 -0.63 3.44 -6.28
CA ILE A 15 0.54 4.25 -6.41
C ILE A 15 1.69 3.29 -6.60
N ALA A 16 1.89 2.90 -7.82
CA ALA A 16 2.84 1.85 -8.14
C ALA A 16 4.27 2.36 -8.17
N PRO A 17 5.13 1.83 -7.29
CA PRO A 17 6.54 2.16 -7.30
C PRO A 17 7.24 1.42 -8.42
N VAL A 18 7.36 2.06 -9.54
CA VAL A 18 7.94 1.45 -10.70
C VAL A 18 9.40 1.86 -10.90
N TRP A 19 9.67 3.14 -10.84
CA TRP A 19 10.99 3.65 -11.05
C TRP A 19 10.99 5.10 -10.65
N PRO A 1 -5.96 1.80 10.76
CA PRO A 1 -6.13 0.70 11.66
C PRO A 1 -5.69 -0.56 10.96
N MET A 2 -5.75 -1.70 11.64
CA MET A 2 -5.35 -3.01 11.09
C MET A 2 -3.85 -3.03 10.81
N LYS A 3 -3.40 -4.06 10.11
CA LYS A 3 -2.04 -4.13 9.67
C LYS A 3 -1.83 -3.09 8.59
N LYS A 4 -1.01 -2.12 8.89
CA LYS A 4 -0.76 -1.04 7.95
C LYS A 4 -0.03 -1.54 6.70
N LEU A 5 0.61 -2.70 6.80
CA LEU A 5 1.25 -3.28 5.62
C LEU A 5 0.22 -3.79 4.65
N LYS A 6 -0.92 -4.25 5.16
CA LYS A 6 -1.98 -4.74 4.31
C LYS A 6 -2.59 -3.56 3.57
N LEU A 7 -2.57 -2.42 4.25
CA LEU A 7 -3.03 -1.19 3.67
C LEU A 7 -2.04 -0.76 2.60
N ALA A 8 -0.76 -0.74 2.97
CA ALA A 8 0.33 -0.37 2.08
C ALA A 8 0.33 -1.21 0.80
N LEU A 9 0.08 -2.51 0.93
CA LEU A 9 0.03 -3.40 -0.23
C LEU A 9 -1.05 -2.97 -1.24
N ARG A 10 -2.16 -2.45 -0.76
CA ARG A 10 -3.21 -2.01 -1.64
C ARG A 10 -2.97 -0.60 -2.14
N LEU A 11 -2.35 0.22 -1.32
CA LEU A 11 -1.99 1.58 -1.73
C LEU A 11 -0.83 1.57 -2.72
N ALA A 12 0.01 0.56 -2.63
CA ALA A 12 1.14 0.38 -3.55
C ALA A 12 0.65 0.09 -4.95
N ALA A 13 -0.56 -0.44 -5.06
CA ALA A 13 -1.17 -0.68 -6.34
C ALA A 13 -1.57 0.65 -6.99
N LYS A 14 -1.91 1.61 -6.15
CA LYS A 14 -2.30 2.92 -6.62
C LYS A 14 -1.08 3.80 -6.85
N ILE A 15 -0.10 3.65 -5.98
CA ILE A 15 1.13 4.39 -6.06
C ILE A 15 2.19 3.74 -5.16
N ALA A 16 3.16 3.12 -5.77
CA ALA A 16 4.20 2.43 -5.08
C ALA A 16 5.33 3.38 -4.72
N PRO A 17 5.89 3.27 -3.50
CA PRO A 17 6.95 4.17 -3.04
C PRO A 17 8.28 4.00 -3.77
N VAL A 18 8.69 2.76 -4.00
CA VAL A 18 9.98 2.49 -4.61
C VAL A 18 9.84 1.73 -5.92
N TRP A 19 9.19 0.59 -5.86
CA TRP A 19 9.06 -0.29 -7.01
C TRP A 19 8.24 0.30 -8.14
N PRO A 1 -5.78 -7.30 14.03
CA PRO A 1 -4.35 -7.19 14.15
C PRO A 1 -3.89 -6.10 13.23
N MET A 2 -2.60 -5.86 13.20
CA MET A 2 -2.01 -4.89 12.29
C MET A 2 -2.34 -5.26 10.87
N LYS A 3 -2.83 -4.30 10.15
CA LYS A 3 -3.18 -4.48 8.78
C LYS A 3 -2.55 -3.39 7.93
N LYS A 4 -1.65 -2.64 8.54
CA LYS A 4 -1.01 -1.51 7.89
C LYS A 4 -0.11 -1.93 6.73
N LEU A 5 0.42 -3.14 6.79
CA LEU A 5 1.20 -3.70 5.74
C LEU A 5 0.28 -3.95 4.55
N LYS A 6 -0.91 -4.47 4.85
CA LYS A 6 -1.91 -4.76 3.84
C LYS A 6 -2.38 -3.47 3.21
N LEU A 7 -2.56 -2.47 4.04
CA LEU A 7 -2.99 -1.14 3.62
C LEU A 7 -1.92 -0.50 2.74
N ALA A 8 -0.66 -0.70 3.11
CA ALA A 8 0.47 -0.18 2.36
C ALA A 8 0.49 -0.77 0.96
N LEU A 9 0.22 -2.07 0.86
CA LEU A 9 0.15 -2.75 -0.43
C LEU A 9 -1.02 -2.25 -1.26
N ARG A 10 -2.13 -1.91 -0.59
CA ARG A 10 -3.29 -1.34 -1.26
C ARG A 10 -2.91 -0.01 -1.91
N LEU A 11 -2.13 0.76 -1.19
CA LEU A 11 -1.65 2.04 -1.68
C LEU A 11 -0.66 1.81 -2.81
N ALA A 12 0.21 0.83 -2.62
CA ALA A 12 1.25 0.49 -3.58
C ALA A 12 0.67 -0.08 -4.86
N ALA A 13 -0.53 -0.59 -4.79
CA ALA A 13 -1.20 -1.14 -5.93
C ALA A 13 -1.65 -0.02 -6.85
N LYS A 14 -2.19 1.03 -6.28
CA LYS A 14 -2.71 2.14 -7.05
C LYS A 14 -1.60 3.13 -7.36
N ILE A 15 -0.72 3.30 -6.42
CA ILE A 15 0.40 4.18 -6.57
C ILE A 15 1.58 3.35 -7.01
N ALA A 16 1.89 3.44 -8.28
CA ALA A 16 3.00 2.71 -8.83
C ALA A 16 4.31 3.37 -8.39
N PRO A 17 5.40 2.60 -8.23
CA PRO A 17 6.68 3.14 -7.80
C PRO A 17 7.24 4.13 -8.81
N VAL A 18 7.04 5.38 -8.52
CA VAL A 18 7.55 6.45 -9.33
C VAL A 18 8.96 6.80 -8.89
N TRP A 19 9.56 7.71 -9.55
CA TRP A 19 10.88 8.11 -9.21
C TRP A 19 10.91 9.61 -9.11
N PRO A 1 -6.86 -5.33 15.25
CA PRO A 1 -5.89 -4.43 14.66
C PRO A 1 -5.76 -4.73 13.20
N MET A 2 -5.72 -3.69 12.41
CA MET A 2 -5.65 -3.82 10.98
C MET A 2 -4.20 -3.89 10.57
N LYS A 3 -3.94 -4.47 9.44
CA LYS A 3 -2.58 -4.63 9.01
C LYS A 3 -2.20 -3.48 8.13
N LYS A 4 -1.32 -2.63 8.62
CA LYS A 4 -0.86 -1.49 7.86
C LYS A 4 -0.07 -1.96 6.65
N LEU A 5 0.50 -3.18 6.74
CA LEU A 5 1.22 -3.76 5.63
C LEU A 5 0.27 -4.08 4.48
N LYS A 6 -0.98 -4.41 4.82
CA LYS A 6 -1.98 -4.72 3.81
C LYS A 6 -2.45 -3.43 3.18
N LEU A 7 -2.63 -2.43 4.02
CA LEU A 7 -3.04 -1.10 3.57
C LEU A 7 -1.99 -0.49 2.67
N ALA A 8 -0.74 -0.55 3.08
CA ALA A 8 0.38 -0.04 2.29
C ALA A 8 0.47 -0.79 0.96
N LEU A 9 0.15 -2.07 0.99
CA LEU A 9 0.15 -2.91 -0.18
C LEU A 9 -0.98 -2.49 -1.14
N ARG A 10 -2.05 -1.93 -0.59
CA ARG A 10 -3.15 -1.46 -1.40
C ARG A 10 -2.85 -0.10 -1.96
N LEU A 11 -2.21 0.74 -1.16
CA LEU A 11 -1.73 2.04 -1.64
C LEU A 11 -0.76 1.83 -2.79
N ALA A 12 0.19 0.92 -2.59
CA ALA A 12 1.19 0.59 -3.60
C ALA A 12 0.56 0.00 -4.84
N ALA A 13 -0.55 -0.70 -4.67
CA ALA A 13 -1.26 -1.30 -5.78
C ALA A 13 -1.98 -0.24 -6.60
N LYS A 14 -2.47 0.78 -5.93
CA LYS A 14 -3.20 1.85 -6.61
C LYS A 14 -2.23 2.84 -7.26
N ILE A 15 -1.11 3.08 -6.63
CA ILE A 15 -0.13 4.00 -7.13
C ILE A 15 1.25 3.64 -6.57
N ALA A 16 2.30 3.84 -7.35
CA ALA A 16 3.65 3.58 -6.89
C ALA A 16 4.00 4.55 -5.77
N PRO A 17 4.36 4.01 -4.59
CA PRO A 17 4.63 4.81 -3.40
C PRO A 17 6.05 5.39 -3.35
N VAL A 18 6.74 5.33 -4.47
CA VAL A 18 8.09 5.87 -4.54
C VAL A 18 7.97 7.37 -4.85
N TRP A 19 7.49 7.67 -6.04
CA TRP A 19 7.27 9.03 -6.48
C TRP A 19 6.53 8.99 -7.79
N PRO A 1 -6.36 -0.81 15.58
CA PRO A 1 -5.24 -1.10 14.72
C PRO A 1 -5.66 -2.14 13.71
N MET A 2 -4.73 -2.51 12.86
CA MET A 2 -4.92 -3.51 11.82
C MET A 2 -3.56 -3.70 11.20
N LYS A 3 -3.43 -4.64 10.30
CA LYS A 3 -2.20 -4.80 9.61
C LYS A 3 -2.04 -3.71 8.57
N LYS A 4 -1.20 -2.75 8.88
CA LYS A 4 -0.99 -1.60 8.04
C LYS A 4 -0.23 -1.98 6.77
N LEU A 5 0.41 -3.13 6.79
CA LEU A 5 1.13 -3.65 5.63
C LEU A 5 0.15 -3.95 4.49
N LYS A 6 -1.05 -4.38 4.88
CA LYS A 6 -2.15 -4.63 3.95
C LYS A 6 -2.56 -3.33 3.28
N LEU A 7 -2.56 -2.27 4.06
CA LEU A 7 -2.91 -0.94 3.59
C LEU A 7 -1.82 -0.42 2.67
N ALA A 8 -0.58 -0.64 3.07
CA ALA A 8 0.58 -0.22 2.31
C ALA A 8 0.60 -0.87 0.94
N LEU A 9 0.33 -2.17 0.92
CA LEU A 9 0.30 -2.94 -0.31
C LEU A 9 -0.81 -2.39 -1.22
N ARG A 10 -2.00 -2.18 -0.65
CA ARG A 10 -3.12 -1.68 -1.37
C ARG A 10 -2.83 -0.27 -1.95
N LEU A 11 -2.15 0.55 -1.17
CA LEU A 11 -1.79 1.89 -1.60
C LEU A 11 -0.85 1.82 -2.81
N ALA A 12 0.16 0.98 -2.72
CA ALA A 12 1.13 0.82 -3.79
C ALA A 12 0.53 0.11 -5.01
N ALA A 13 -0.60 -0.53 -4.81
CA ALA A 13 -1.30 -1.21 -5.87
C ALA A 13 -2.11 -0.21 -6.69
N LYS A 14 -2.56 0.86 -6.08
CA LYS A 14 -3.34 1.85 -6.79
C LYS A 14 -2.45 2.96 -7.35
N ILE A 15 -1.44 3.32 -6.58
CA ILE A 15 -0.48 4.32 -7.00
C ILE A 15 0.90 3.78 -6.68
N ALA A 16 1.82 3.99 -7.55
CA ALA A 16 3.15 3.46 -7.39
C ALA A 16 3.90 4.22 -6.33
N PRO A 17 4.89 3.60 -5.67
CA PRO A 17 5.74 4.29 -4.72
C PRO A 17 6.46 5.45 -5.41
N VAL A 18 5.94 6.63 -5.22
CA VAL A 18 6.45 7.81 -5.86
C VAL A 18 7.77 8.22 -5.29
N TRP A 19 8.56 8.85 -6.09
CA TRP A 19 9.87 9.26 -5.71
C TRP A 19 10.04 10.68 -6.21
N PRO A 1 -7.22 -2.09 13.32
CA PRO A 1 -7.71 -3.40 13.02
C PRO A 1 -6.85 -4.08 11.96
N MET A 2 -6.98 -3.66 10.71
CA MET A 2 -6.17 -4.23 9.65
C MET A 2 -4.81 -3.59 9.67
N LYS A 3 -3.79 -4.43 9.58
CA LYS A 3 -2.42 -3.99 9.61
C LYS A 3 -2.11 -3.04 8.46
N LYS A 4 -1.31 -2.04 8.75
CA LYS A 4 -0.94 -1.02 7.79
C LYS A 4 -0.15 -1.62 6.64
N LEU A 5 0.51 -2.74 6.91
CA LEU A 5 1.27 -3.45 5.90
C LEU A 5 0.36 -3.96 4.79
N LYS A 6 -0.86 -4.32 5.16
CA LYS A 6 -1.83 -4.83 4.22
C LYS A 6 -2.39 -3.67 3.41
N LEU A 7 -2.58 -2.56 4.09
CA LEU A 7 -3.09 -1.33 3.48
C LEU A 7 -2.04 -0.75 2.53
N ALA A 8 -0.78 -0.89 2.90
CA ALA A 8 0.35 -0.45 2.11
C ALA A 8 0.42 -1.21 0.79
N LEU A 9 -0.07 -2.44 0.78
CA LEU A 9 -0.11 -3.27 -0.43
C LEU A 9 -1.16 -2.72 -1.37
N ARG A 10 -2.20 -2.16 -0.80
CA ARG A 10 -3.28 -1.55 -1.55
C ARG A 10 -2.80 -0.23 -2.11
N LEU A 11 -2.16 0.52 -1.25
CA LEU A 11 -1.61 1.83 -1.58
C LEU A 11 -0.61 1.72 -2.73
N ALA A 12 0.32 0.77 -2.64
CA ALA A 12 1.35 0.57 -3.66
C ALA A 12 0.77 0.09 -4.98
N ALA A 13 -0.45 -0.42 -4.94
CA ALA A 13 -1.11 -0.87 -6.14
C ALA A 13 -1.74 0.31 -6.85
N LYS A 14 -2.07 1.34 -6.10
CA LYS A 14 -2.69 2.53 -6.62
C LYS A 14 -1.65 3.57 -7.00
N ILE A 15 -0.61 3.64 -6.23
CA ILE A 15 0.45 4.58 -6.47
C ILE A 15 1.79 3.90 -6.27
N ALA A 16 2.59 3.93 -7.30
CA ALA A 16 3.89 3.33 -7.26
C ALA A 16 4.82 4.17 -6.39
N PRO A 17 5.42 3.54 -5.36
CA PRO A 17 6.29 4.23 -4.42
C PRO A 17 7.62 4.64 -5.05
N VAL A 18 7.66 5.85 -5.51
CA VAL A 18 8.87 6.42 -6.05
C VAL A 18 9.47 7.35 -5.00
N TRP A 19 10.74 7.58 -5.09
CA TRP A 19 11.42 8.38 -4.11
C TRP A 19 11.48 9.81 -4.60
N PRO A 1 -7.56 1.47 11.17
CA PRO A 1 -7.09 0.74 10.01
C PRO A 1 -6.43 -0.54 10.46
N MET A 2 -6.94 -1.66 9.99
CA MET A 2 -6.37 -2.94 10.34
C MET A 2 -5.36 -3.35 9.32
N LYS A 3 -4.17 -3.64 9.81
CA LYS A 3 -3.03 -4.10 9.01
C LYS A 3 -2.51 -3.03 8.07
N LYS A 4 -1.62 -2.23 8.60
CA LYS A 4 -1.01 -1.13 7.86
C LYS A 4 -0.17 -1.63 6.68
N LEU A 5 0.38 -2.82 6.80
CA LEU A 5 1.19 -3.41 5.73
C LEU A 5 0.28 -3.90 4.61
N LYS A 6 -0.88 -4.37 4.99
CA LYS A 6 -1.86 -4.85 4.04
C LYS A 6 -2.42 -3.67 3.26
N LEU A 7 -2.67 -2.58 3.97
CA LEU A 7 -3.13 -1.37 3.35
C LEU A 7 -2.03 -0.71 2.54
N ALA A 8 -0.79 -0.89 2.96
CA ALA A 8 0.36 -0.38 2.21
C ALA A 8 0.46 -1.07 0.87
N LEU A 9 0.10 -2.34 0.85
CA LEU A 9 0.10 -3.11 -0.39
C LEU A 9 -0.99 -2.57 -1.33
N ARG A 10 -2.05 -2.04 -0.73
CA ARG A 10 -3.13 -1.44 -1.51
C ARG A 10 -2.72 -0.03 -1.95
N LEU A 11 -1.94 0.64 -1.11
CA LEU A 11 -1.38 1.93 -1.46
C LEU A 11 -0.46 1.77 -2.65
N ALA A 12 0.41 0.78 -2.58
CA ALA A 12 1.36 0.46 -3.63
C ALA A 12 0.67 -0.04 -4.90
N ALA A 13 -0.57 -0.47 -4.76
CA ALA A 13 -1.33 -0.95 -5.89
C ALA A 13 -1.82 0.21 -6.74
N LYS A 14 -2.35 1.25 -6.10
CA LYS A 14 -2.85 2.40 -6.82
C LYS A 14 -1.78 3.47 -7.04
N ILE A 15 -0.82 3.52 -6.15
CA ILE A 15 0.27 4.44 -6.26
C ILE A 15 1.53 3.62 -6.40
N ALA A 16 2.15 3.69 -7.54
CA ALA A 16 3.32 2.91 -7.83
C ALA A 16 4.53 3.48 -7.12
N PRO A 17 5.12 2.73 -6.18
CA PRO A 17 6.30 3.17 -5.49
C PRO A 17 7.53 2.98 -6.37
N VAL A 18 7.92 4.04 -7.02
CA VAL A 18 9.05 4.01 -7.92
C VAL A 18 10.34 4.16 -7.12
N TRP A 19 10.71 3.03 -6.51
CA TRP A 19 11.90 2.80 -5.69
C TRP A 19 11.80 1.38 -5.19
N PRO A 1 -7.30 -3.94 14.46
CA PRO A 1 -7.12 -2.99 13.39
C PRO A 1 -6.70 -3.75 12.15
N MET A 2 -6.81 -3.12 11.00
CA MET A 2 -6.35 -3.73 9.78
C MET A 2 -4.86 -3.63 9.71
N LYS A 3 -4.26 -4.53 8.99
CA LYS A 3 -2.85 -4.59 8.85
C LYS A 3 -2.33 -3.41 8.04
N LYS A 4 -1.41 -2.68 8.63
CA LYS A 4 -0.78 -1.51 8.03
C LYS A 4 -0.14 -1.89 6.72
N LEU A 5 0.51 -3.04 6.73
CA LEU A 5 1.20 -3.56 5.56
C LEU A 5 0.22 -3.83 4.44
N LYS A 6 -0.94 -4.37 4.76
CA LYS A 6 -1.94 -4.65 3.74
C LYS A 6 -2.49 -3.38 3.15
N LEU A 7 -2.71 -2.39 4.00
CA LEU A 7 -3.15 -1.08 3.55
C LEU A 7 -2.06 -0.43 2.68
N ALA A 8 -0.82 -0.65 3.07
CA ALA A 8 0.33 -0.15 2.34
C ALA A 8 0.42 -0.80 0.97
N LEU A 9 0.16 -2.09 0.93
CA LEU A 9 0.15 -2.84 -0.32
C LEU A 9 -0.96 -2.33 -1.23
N ARG A 10 -2.12 -2.05 -0.63
CA ARG A 10 -3.26 -1.52 -1.36
C ARG A 10 -2.94 -0.14 -1.95
N LEU A 11 -2.14 0.63 -1.24
CA LEU A 11 -1.70 1.92 -1.74
C LEU A 11 -0.68 1.73 -2.85
N ALA A 12 0.22 0.77 -2.64
CA ALA A 12 1.26 0.47 -3.60
C ALA A 12 0.68 -0.07 -4.89
N ALA A 13 -0.48 -0.69 -4.80
CA ALA A 13 -1.20 -1.18 -5.95
C ALA A 13 -1.72 -0.01 -6.78
N LYS A 14 -2.09 1.06 -6.10
CA LYS A 14 -2.58 2.26 -6.76
C LYS A 14 -1.44 3.02 -7.40
N ILE A 15 -0.28 2.95 -6.76
CA ILE A 15 0.91 3.59 -7.25
C ILE A 15 1.36 2.91 -8.54
N ALA A 16 1.19 3.61 -9.63
CA ALA A 16 1.55 3.14 -10.93
C ALA A 16 3.04 3.37 -11.16
N PRO A 17 3.66 2.61 -12.09
CA PRO A 17 5.06 2.80 -12.46
C PRO A 17 5.33 4.26 -12.82
N VAL A 18 6.32 4.83 -12.19
CA VAL A 18 6.67 6.21 -12.40
C VAL A 18 7.37 6.37 -13.74
N TRP A 19 6.62 6.83 -14.70
CA TRP A 19 7.06 7.02 -16.05
C TRP A 19 5.91 7.66 -16.75
N PRO A 1 -9.27 -3.03 8.41
CA PRO A 1 -7.89 -3.46 8.32
C PRO A 1 -7.22 -3.28 9.65
N MET A 2 -6.60 -4.31 10.15
CA MET A 2 -5.86 -4.20 11.38
C MET A 2 -4.38 -4.11 11.08
N LYS A 3 -3.93 -4.95 10.18
CA LYS A 3 -2.55 -4.97 9.80
C LYS A 3 -2.30 -3.90 8.74
N LYS A 4 -1.49 -2.92 9.10
CA LYS A 4 -1.24 -1.73 8.29
C LYS A 4 -0.50 -2.06 6.98
N LEU A 5 0.20 -3.18 6.94
CA LEU A 5 0.95 -3.54 5.74
C LEU A 5 0.01 -3.84 4.57
N LYS A 6 -1.24 -4.21 4.87
CA LYS A 6 -2.23 -4.44 3.83
C LYS A 6 -2.51 -3.12 3.14
N LEU A 7 -2.55 -2.07 3.93
CA LEU A 7 -2.78 -0.73 3.44
C LEU A 7 -1.62 -0.34 2.54
N ALA A 8 -0.41 -0.63 2.99
CA ALA A 8 0.81 -0.35 2.25
C ALA A 8 0.81 -1.03 0.89
N LEU A 9 0.41 -2.30 0.87
CA LEU A 9 0.34 -3.07 -0.35
C LEU A 9 -0.70 -2.48 -1.29
N ARG A 10 -1.88 -2.19 -0.77
CA ARG A 10 -2.96 -1.68 -1.60
C ARG A 10 -2.71 -0.24 -2.03
N LEU A 11 -1.92 0.48 -1.26
CA LEU A 11 -1.51 1.83 -1.61
C LEU A 11 -0.64 1.80 -2.84
N ALA A 12 0.41 0.98 -2.77
CA ALA A 12 1.37 0.83 -3.85
C ALA A 12 0.73 0.21 -5.10
N ALA A 13 -0.41 -0.42 -4.91
CA ALA A 13 -1.14 -1.01 -6.00
C ALA A 13 -1.99 0.03 -6.73
N LYS A 14 -2.46 1.06 -6.00
CA LYS A 14 -3.31 2.04 -6.63
C LYS A 14 -2.50 3.23 -7.15
N ILE A 15 -1.43 3.56 -6.47
CA ILE A 15 -0.62 4.70 -6.82
C ILE A 15 0.81 4.42 -6.34
N ALA A 16 1.77 5.17 -6.79
CA ALA A 16 3.12 5.00 -6.32
C ALA A 16 3.26 5.71 -4.97
N PRO A 17 3.98 5.10 -4.01
CA PRO A 17 4.26 5.74 -2.73
C PRO A 17 5.09 7.01 -2.96
N VAL A 18 4.50 8.15 -2.67
CA VAL A 18 5.11 9.44 -2.93
C VAL A 18 6.03 9.86 -1.79
N TRP A 19 6.08 9.06 -0.76
CA TRP A 19 6.92 9.31 0.36
C TRP A 19 7.71 8.05 0.64
N PRO A 1 -4.52 0.05 11.90
CA PRO A 1 -4.63 -1.39 11.70
C PRO A 1 -3.45 -2.06 12.34
N MET A 2 -3.49 -3.35 12.42
CA MET A 2 -2.38 -4.11 12.96
C MET A 2 -1.37 -4.31 11.85
N LYS A 3 -1.80 -4.95 10.80
CA LYS A 3 -0.96 -5.13 9.65
C LYS A 3 -1.12 -3.92 8.76
N LYS A 4 -0.26 -2.93 8.92
CA LYS A 4 -0.36 -1.71 8.11
C LYS A 4 -0.02 -2.02 6.67
N LEU A 5 0.80 -3.06 6.49
CA LEU A 5 1.26 -3.45 5.17
C LEU A 5 0.11 -3.91 4.30
N LYS A 6 -0.98 -4.36 4.91
CA LYS A 6 -2.15 -4.80 4.18
C LYS A 6 -2.80 -3.61 3.47
N LEU A 7 -2.80 -2.48 4.12
CA LEU A 7 -3.39 -1.27 3.57
C LEU A 7 -2.37 -0.54 2.71
N ALA A 8 -1.12 -0.59 3.14
CA ALA A 8 -0.02 0.02 2.42
C ALA A 8 0.20 -0.66 1.06
N LEU A 9 -0.10 -1.96 1.01
CA LEU A 9 0.02 -2.72 -0.23
C LEU A 9 -1.05 -2.28 -1.22
N ARG A 10 -2.17 -1.81 -0.70
CA ARG A 10 -3.25 -1.31 -1.55
C ARG A 10 -2.80 -0.01 -2.20
N LEU A 11 -2.13 0.81 -1.40
CA LEU A 11 -1.59 2.08 -1.89
C LEU A 11 -0.51 1.80 -2.93
N ALA A 12 0.35 0.84 -2.64
CA ALA A 12 1.43 0.44 -3.53
C ALA A 12 0.89 -0.20 -4.82
N ALA A 13 -0.35 -0.65 -4.78
CA ALA A 13 -1.00 -1.21 -5.93
C ALA A 13 -1.55 -0.08 -6.80
N LYS A 14 -2.07 0.94 -6.14
CA LYS A 14 -2.63 2.09 -6.81
C LYS A 14 -1.55 2.97 -7.40
N ILE A 15 -0.44 3.07 -6.71
CA ILE A 15 0.68 3.82 -7.22
C ILE A 15 1.44 2.95 -8.22
N ALA A 16 1.08 3.11 -9.45
CA ALA A 16 1.70 2.37 -10.51
C ALA A 16 2.97 3.07 -10.95
N PRO A 17 3.93 2.34 -11.57
CA PRO A 17 5.18 2.93 -12.09
C PRO A 17 4.89 4.00 -13.16
N VAL A 18 3.73 3.90 -13.76
CA VAL A 18 3.30 4.84 -14.76
C VAL A 18 2.39 5.89 -14.12
N TRP A 19 2.43 7.10 -14.67
CA TRP A 19 1.68 8.25 -14.21
C TRP A 19 2.02 8.54 -12.76
#